data_1HVO
#
_entry.id   1HVO
#
_cell.length_a   1.000
_cell.length_b   1.000
_cell.length_c   1.000
_cell.angle_alpha   90.00
_cell.angle_beta   90.00
_cell.angle_gamma   90.00
#
_symmetry.space_group_name_H-M   'P 1'
#
loop_
_entity.id
_entity.type
_entity.pdbx_description
1 polymer "DNA (5'-D(P*AP*CP*GP*CP*C)-3')"
2 polymer 'Hiv-1 Nucleocapsid Zinc Finger'
3 non-polymer 'ZINC ION'
#
loop_
_entity_poly.entity_id
_entity_poly.type
_entity_poly.pdbx_seq_one_letter_code
_entity_poly.pdbx_strand_id
1 'polydeoxyribonucleotide' (DA)(DC)(DG)(DC)(DC) D
2 'polypeptide(L)' VKCFNCGKEGHIARNCRA E
#
loop_
_chem_comp.id
_chem_comp.type
_chem_comp.name
_chem_comp.formula
DA DNA linking 2'-DEOXYADENOSINE-5'-MONOPHOSPHATE 'C10 H14 N5 O6 P'
DC DNA linking 2'-DEOXYCYTIDINE-5'-MONOPHOSPHATE 'C9 H14 N3 O7 P'
DG DNA linking 2'-DEOXYGUANOSINE-5'-MONOPHOSPHATE 'C10 H14 N5 O7 P'
ZN non-polymer 'ZINC ION' 'Zn 2'
#
# COMPACT_ATOMS: atom_id res chain seq x y z
N VAL B 1 1.62 -9.81 -1.28
CA VAL B 1 2.74 -8.84 -1.29
C VAL B 1 2.24 -7.50 -0.76
N LYS B 2 3.17 -6.56 -0.63
CA LYS B 2 2.95 -5.38 0.21
C LYS B 2 2.68 -4.15 -0.66
N CYS B 3 1.84 -3.26 -0.14
CA CYS B 3 1.85 -1.85 -0.54
C CYS B 3 3.21 -1.24 -0.25
N PHE B 4 3.64 -0.37 -1.17
CA PHE B 4 4.90 0.34 -1.00
C PHE B 4 4.69 1.82 -0.76
N ASN B 5 3.45 2.26 -0.95
CA ASN B 5 3.06 3.62 -0.56
C ASN B 5 3.22 3.81 0.94
N CYS B 6 2.77 2.79 1.68
CA CYS B 6 2.81 2.84 3.13
C CYS B 6 3.77 1.80 3.68
N GLY B 7 3.74 0.62 3.05
CA GLY B 7 4.55 -0.50 3.50
C GLY B 7 3.71 -1.50 4.28
N LYS B 8 2.39 -1.37 4.13
CA LYS B 8 1.47 -2.34 4.69
C LYS B 8 1.10 -3.38 3.64
N GLU B 9 0.38 -4.42 4.10
CA GLU B 9 0.19 -5.61 3.29
C GLU B 9 -1.19 -5.58 2.61
N GLY B 10 -1.21 -5.96 1.34
CA GLY B 10 -2.46 -6.36 0.70
C GLY B 10 -3.29 -5.13 0.33
N HIS B 11 -2.62 -4.11 -0.21
CA HIS B 11 -3.30 -3.12 -1.04
C HIS B 11 -2.27 -2.34 -1.87
N ILE B 12 -2.75 -1.36 -2.62
CA ILE B 12 -1.99 -0.83 -3.77
C ILE B 12 -1.67 0.64 -3.55
N ALA B 13 -0.50 1.04 -4.02
CA ALA B 13 0.05 2.35 -3.66
C ALA B 13 -0.82 3.47 -4.19
N ARG B 14 -1.36 3.26 -5.39
CA ARG B 14 -2.00 4.35 -6.11
C ARG B 14 -3.19 4.90 -5.34
N ASN B 15 -3.66 4.10 -4.39
CA ASN B 15 -4.97 4.32 -3.80
C ASN B 15 -4.84 4.54 -2.29
N CYS B 16 -3.61 4.82 -1.87
CA CYS B 16 -3.22 4.65 -0.47
C CYS B 16 -3.69 5.86 0.35
N ARG B 17 -4.41 5.57 1.42
CA ARG B 17 -4.63 6.54 2.49
C ARG B 17 -3.33 6.84 3.21
N ALA B 18 -2.62 5.77 3.56
CA ALA B 18 -1.46 5.86 4.44
C ALA B 18 -1.88 6.42 5.80
ZN ZN C . -0.65 1.72 1.30
N VAL B 1 0.93 -9.04 -2.49
CA VAL B 1 2.17 -8.27 -2.25
C VAL B 1 2.01 -7.42 -0.99
N LYS B 2 2.97 -6.53 -0.78
CA LYS B 2 2.79 -5.39 0.10
C LYS B 2 2.51 -4.13 -0.71
N CYS B 3 1.67 -3.27 -0.14
CA CYS B 3 1.64 -1.84 -0.50
C CYS B 3 2.99 -1.21 -0.22
N PHE B 4 3.45 -0.41 -1.19
CA PHE B 4 4.73 0.27 -1.06
C PHE B 4 4.58 1.77 -0.99
N ASN B 5 3.33 2.24 -1.04
CA ASN B 5 3.01 3.59 -0.61
C ASN B 5 3.24 3.75 0.89
N CYS B 6 2.60 2.88 1.66
CA CYS B 6 2.74 2.90 3.11
C CYS B 6 3.76 1.88 3.57
N GLY B 7 3.64 0.68 2.99
CA GLY B 7 4.44 -0.46 3.44
C GLY B 7 3.55 -1.65 3.74
N LYS B 8 2.37 -1.35 4.29
CA LYS B 8 1.52 -2.38 4.87
C LYS B 8 1.06 -3.35 3.79
N GLU B 9 0.50 -4.48 4.22
CA GLU B 9 0.31 -5.63 3.34
C GLU B 9 -1.07 -5.56 2.68
N GLY B 10 -1.08 -5.81 1.37
CA GLY B 10 -2.31 -6.14 0.67
C GLY B 10 -2.56 -5.14 -0.45
N HIS B 11 -2.84 -3.90 -0.07
CA HIS B 11 -3.50 -2.94 -0.96
C HIS B 11 -2.47 -2.14 -1.73
N ILE B 12 -2.96 -1.21 -2.56
CA ILE B 12 -2.14 -0.65 -3.64
C ILE B 12 -1.62 0.73 -3.24
N ALA B 13 -0.44 1.04 -3.75
CA ALA B 13 0.17 2.35 -3.57
C ALA B 13 -0.72 3.46 -4.08
N ARG B 14 -1.12 3.37 -5.34
CA ARG B 14 -1.80 4.47 -6.02
C ARG B 14 -3.12 4.79 -5.32
N ASN B 15 -3.50 3.88 -4.43
CA ASN B 15 -4.83 3.97 -3.81
C ASN B 15 -4.70 4.21 -2.31
N CYS B 16 -3.50 4.60 -1.88
CA CYS B 16 -3.14 4.51 -0.46
C CYS B 16 -3.64 5.76 0.26
N ARG B 17 -3.81 5.61 1.58
CA ARG B 17 -3.93 6.77 2.47
C ARG B 17 -2.71 6.86 3.38
N ALA B 18 -2.22 5.70 3.79
CA ALA B 18 -1.14 5.63 4.77
C ALA B 18 -1.59 6.27 6.09
ZN ZN C . -0.83 1.66 1.52
N VAL B 1 1.32 -9.62 -1.46
CA VAL B 1 2.52 -8.75 -1.38
C VAL B 1 2.19 -7.48 -0.61
N LYS B 2 3.17 -6.59 -0.54
CA LYS B 2 3.02 -5.39 0.29
C LYS B 2 2.75 -4.17 -0.59
N CYS B 3 1.88 -3.30 -0.09
CA CYS B 3 1.85 -1.89 -0.50
C CYS B 3 3.19 -1.23 -0.17
N PHE B 4 3.64 -0.38 -1.09
CA PHE B 4 4.89 0.33 -0.89
C PHE B 4 4.65 1.81 -0.63
N ASN B 5 3.43 2.25 -0.89
CA ASN B 5 3.03 3.61 -0.55
C ASN B 5 3.10 3.82 0.96
N CYS B 6 2.67 2.80 1.69
CA CYS B 6 2.70 2.84 3.15
C CYS B 6 3.67 1.81 3.71
N GLY B 7 3.71 0.65 3.07
CA GLY B 7 4.60 -0.43 3.49
C GLY B 7 3.79 -1.66 3.88
N LYS B 8 2.53 -1.43 4.22
CA LYS B 8 1.71 -2.47 4.83
C LYS B 8 1.17 -3.42 3.78
N GLU B 9 0.57 -4.51 4.24
CA GLU B 9 0.25 -5.64 3.37
C GLU B 9 -1.14 -5.45 2.75
N GLY B 10 -1.25 -5.84 1.48
CA GLY B 10 -2.55 -6.08 0.87
C GLY B 10 -2.75 -5.20 -0.35
N HIS B 11 -2.91 -3.90 -0.10
CA HIS B 11 -3.51 -2.99 -1.06
C HIS B 11 -2.42 -2.28 -1.87
N ILE B 12 -2.85 -1.41 -2.78
CA ILE B 12 -1.97 -0.95 -3.86
C ILE B 12 -1.74 0.55 -3.76
N ALA B 13 -0.56 0.97 -4.15
CA ALA B 13 0.00 2.25 -3.70
C ALA B 13 -0.85 3.41 -4.20
N ARG B 14 -1.37 3.26 -5.41
CA ARG B 14 -1.96 4.40 -6.11
C ARG B 14 -3.16 4.94 -5.34
N ASN B 15 -3.65 4.13 -4.40
CA ASN B 15 -4.95 4.37 -3.80
C ASN B 15 -4.82 4.55 -2.29
N CYS B 16 -3.59 4.83 -1.87
CA CYS B 16 -3.18 4.64 -0.47
C CYS B 16 -3.64 5.85 0.35
N ARG B 17 -3.72 5.64 1.66
CA ARG B 17 -3.93 6.74 2.60
C ARG B 17 -3.00 6.60 3.80
N ALA B 18 -1.97 5.78 3.63
CA ALA B 18 -1.12 5.39 4.75
C ALA B 18 -1.93 4.65 5.81
ZN ZN C . -0.70 1.67 1.26
N VAL B 1 0.78 -9.07 -2.19
CA VAL B 1 2.00 -8.26 -2.14
C VAL B 1 1.98 -7.34 -0.92
N LYS B 2 3.00 -6.48 -0.84
CA LYS B 2 2.96 -5.32 0.03
C LYS B 2 2.66 -4.06 -0.78
N CYS B 3 1.80 -3.22 -0.23
CA CYS B 3 1.75 -1.80 -0.57
C CYS B 3 3.09 -1.15 -0.25
N PHE B 4 3.59 -0.37 -1.22
CA PHE B 4 4.87 0.31 -1.06
C PHE B 4 4.69 1.80 -0.79
N ASN B 5 3.46 2.27 -0.97
CA ASN B 5 3.10 3.63 -0.55
C ASN B 5 3.27 3.78 0.96
N CYS B 6 2.57 2.90 1.69
CA CYS B 6 2.66 2.92 3.14
C CYS B 6 3.68 1.89 3.63
N GLY B 7 3.59 0.69 3.05
CA GLY B 7 4.49 -0.38 3.43
C GLY B 7 3.70 -1.64 3.79
N LYS B 8 2.43 -1.43 4.13
CA LYS B 8 1.62 -2.49 4.73
C LYS B 8 1.15 -3.46 3.66
N GLU B 9 0.51 -4.53 4.10
CA GLU B 9 0.28 -5.69 3.25
C GLU B 9 -1.16 -5.69 2.72
N GLY B 10 -1.29 -5.82 1.40
CA GLY B 10 -2.55 -6.22 0.80
C GLY B 10 -3.36 -4.99 0.38
N HIS B 11 -2.68 -4.05 -0.27
CA HIS B 11 -3.35 -3.07 -1.13
C HIS B 11 -2.33 -2.24 -1.88
N ILE B 12 -2.83 -1.28 -2.66
CA ILE B 12 -2.02 -0.66 -3.72
C ILE B 12 -1.58 0.73 -3.27
N ALA B 13 -0.39 1.10 -3.71
CA ALA B 13 0.15 2.43 -3.52
C ALA B 13 -0.78 3.50 -4.06
N ARG B 14 -1.16 3.36 -5.32
CA ARG B 14 -1.86 4.44 -6.03
C ARG B 14 -3.18 4.75 -5.36
N ASN B 15 -3.57 3.88 -4.43
CA ASN B 15 -4.90 3.97 -3.81
C ASN B 15 -4.77 4.26 -2.33
N CYS B 16 -3.58 4.69 -1.91
CA CYS B 16 -3.22 4.60 -0.49
C CYS B 16 -3.65 5.87 0.24
N ARG B 17 -4.36 5.68 1.34
CA ARG B 17 -4.57 6.74 2.32
C ARG B 17 -3.38 6.86 3.24
N ALA B 18 -2.78 5.71 3.55
CA ALA B 18 -1.74 5.64 4.56
C ALA B 18 -2.28 6.07 5.92
ZN ZN C . -0.83 1.65 1.41
N VAL B 1 0.96 -9.59 -1.75
CA VAL B 1 2.10 -8.66 -1.76
C VAL B 1 1.72 -7.39 -1.01
N LYS B 2 2.71 -6.50 -0.84
CA LYS B 2 2.56 -5.38 0.07
C LYS B 2 2.48 -4.07 -0.71
N CYS B 3 1.68 -3.15 -0.19
CA CYS B 3 1.75 -1.75 -0.61
C CYS B 3 3.13 -1.18 -0.30
N PHE B 4 3.58 -0.26 -1.17
CA PHE B 4 4.94 0.26 -1.07
C PHE B 4 4.93 1.75 -0.80
N ASN B 5 3.77 2.38 -0.97
CA ASN B 5 3.56 3.73 -0.44
C ASN B 5 3.68 3.73 1.08
N CYS B 6 2.96 2.80 1.71
CA CYS B 6 2.88 2.78 3.16
C CYS B 6 3.69 1.63 3.74
N GLY B 7 3.69 0.51 3.03
CA GLY B 7 4.49 -0.64 3.42
C GLY B 7 3.60 -1.82 3.80
N LYS B 8 2.41 -1.49 4.29
CA LYS B 8 1.55 -2.48 4.92
C LYS B 8 0.93 -3.39 3.86
N GLU B 9 0.59 -4.61 4.29
CA GLU B 9 0.29 -5.69 3.35
C GLU B 9 -1.12 -5.50 2.78
N GLY B 10 -1.22 -5.70 1.46
CA GLY B 10 -2.51 -5.91 0.83
C GLY B 10 -2.69 -4.95 -0.35
N HIS B 11 -2.89 -3.68 -0.03
CA HIS B 11 -3.52 -2.75 -0.97
C HIS B 11 -2.46 -2.06 -1.82
N ILE B 12 -2.91 -1.12 -2.64
CA ILE B 12 -2.07 -0.59 -3.72
C ILE B 12 -1.64 0.83 -3.41
N ALA B 13 -0.42 1.16 -3.82
CA ALA B 13 0.16 2.47 -3.60
C ALA B 13 -0.72 3.58 -4.16
N ARG B 14 -1.32 3.29 -5.32
CA ARG B 14 -2.02 4.35 -6.06
C ARG B 14 -3.29 4.75 -5.32
N ASN B 15 -3.89 3.76 -4.66
CA ASN B 15 -5.14 3.98 -3.94
C ASN B 15 -4.91 3.95 -2.44
N CYS B 16 -3.83 4.60 -2.02
CA CYS B 16 -3.38 4.47 -0.64
C CYS B 16 -4.07 5.51 0.23
N ARG B 17 -4.13 5.21 1.53
CA ARG B 17 -4.44 6.23 2.53
C ARG B 17 -3.23 6.49 3.41
N ALA B 18 -2.52 5.41 3.73
CA ALA B 18 -1.47 5.44 4.75
C ALA B 18 -2.07 5.83 6.10
ZN ZN C . -0.60 2.00 1.11
N VAL B 1 1.73 -10.05 -1.04
CA VAL B 1 2.75 -8.97 -1.05
C VAL B 1 2.11 -7.67 -0.57
N LYS B 2 2.89 -6.60 -0.56
CA LYS B 2 2.57 -5.44 0.26
C LYS B 2 2.30 -4.22 -0.65
N CYS B 3 1.49 -3.29 -0.13
CA CYS B 3 1.58 -1.89 -0.52
C CYS B 3 2.97 -1.34 -0.19
N PHE B 4 3.49 -0.54 -1.11
CA PHE B 4 4.77 0.11 -0.89
C PHE B 4 4.64 1.63 -0.81
N ASN B 5 3.39 2.10 -0.85
CA ASN B 5 3.07 3.46 -0.45
C ASN B 5 3.21 3.62 1.06
N CYS B 6 2.63 2.64 1.78
CA CYS B 6 2.64 2.69 3.23
C CYS B 6 3.50 1.57 3.80
N GLY B 7 3.78 0.58 2.94
CA GLY B 7 4.66 -0.52 3.32
C GLY B 7 3.92 -1.50 4.21
N LYS B 8 2.59 -1.42 4.19
CA LYS B 8 1.75 -2.41 4.83
C LYS B 8 1.24 -3.41 3.80
N GLU B 9 0.59 -4.47 4.30
CA GLU B 9 0.35 -5.66 3.51
C GLU B 9 -0.99 -5.56 2.78
N GLY B 10 -0.96 -5.83 1.47
CA GLY B 10 -2.18 -6.19 0.75
C GLY B 10 -3.00 -4.94 0.43
N HIS B 11 -2.40 -4.01 -0.31
CA HIS B 11 -3.15 -3.07 -1.15
C HIS B 11 -2.20 -2.19 -1.94
N ILE B 12 -2.78 -1.36 -2.82
CA ILE B 12 -2.05 -0.87 -4.00
C ILE B 12 -1.82 0.63 -3.85
N ALA B 13 -0.59 1.04 -4.10
CA ALA B 13 -0.08 2.33 -3.61
C ALA B 13 -0.89 3.49 -4.14
N ARG B 14 -1.35 3.36 -5.39
CA ARG B 14 -1.90 4.51 -6.12
C ARG B 14 -3.11 5.07 -5.39
N ASN B 15 -3.67 4.26 -4.49
CA ASN B 15 -5.00 4.52 -3.96
C ASN B 15 -4.93 4.70 -2.44
N CYS B 16 -3.71 4.94 -1.96
CA CYS B 16 -3.38 4.77 -0.54
C CYS B 16 -3.86 5.99 0.23
N ARG B 17 -4.51 5.73 1.36
CA ARG B 17 -4.83 6.78 2.33
C ARG B 17 -3.83 6.76 3.49
N ALA B 18 -3.33 5.56 3.77
CA ALA B 18 -2.55 5.33 4.98
C ALA B 18 -3.39 5.61 6.22
ZN ZN C . -0.83 1.80 1.28
N VAL B 1 1.18 -9.71 -1.45
CA VAL B 1 2.35 -8.82 -1.51
C VAL B 1 2.01 -7.48 -0.89
N LYS B 2 3.02 -6.62 -0.79
CA LYS B 2 2.94 -5.45 0.10
C LYS B 2 2.66 -4.19 -0.71
N CYS B 3 1.84 -3.32 -0.14
CA CYS B 3 1.82 -1.90 -0.52
C CYS B 3 3.19 -1.28 -0.25
N PHE B 4 3.64 -0.47 -1.22
CA PHE B 4 4.89 0.25 -1.09
C PHE B 4 4.68 1.74 -0.93
N ASN B 5 3.43 2.17 -1.05
CA ASN B 5 3.06 3.53 -0.64
C ASN B 5 3.29 3.70 0.86
N CYS B 6 2.69 2.81 1.64
CA CYS B 6 2.77 2.89 3.09
C CYS B 6 3.76 1.87 3.64
N GLY B 7 3.74 0.68 3.03
CA GLY B 7 4.57 -0.42 3.48
C GLY B 7 3.76 -1.39 4.34
N LYS B 8 2.44 -1.30 4.20
CA LYS B 8 1.54 -2.31 4.75
C LYS B 8 1.14 -3.30 3.66
N GLU B 9 0.41 -4.33 4.07
CA GLU B 9 0.17 -5.49 3.21
C GLU B 9 -1.23 -5.43 2.62
N GLY B 10 -1.33 -5.83 1.35
CA GLY B 10 -2.62 -6.21 0.77
C GLY B 10 -3.39 -4.96 0.34
N HIS B 11 -2.69 -4.05 -0.31
CA HIS B 11 -3.35 -3.06 -1.17
C HIS B 11 -2.31 -2.26 -1.94
N ILE B 12 -2.78 -1.35 -2.80
CA ILE B 12 -1.94 -0.77 -3.83
C ILE B 12 -1.62 0.68 -3.51
N ALA B 13 -0.45 1.11 -3.95
CA ALA B 13 0.11 2.39 -3.54
C ALA B 13 -0.79 3.53 -3.93
N ARG B 14 -1.12 3.60 -5.22
CA ARG B 14 -1.83 4.76 -5.76
C ARG B 14 -3.20 4.92 -5.09
N ASN B 15 -3.62 3.84 -4.44
CA ASN B 15 -4.94 3.82 -3.80
C ASN B 15 -4.81 4.03 -2.31
N CYS B 16 -3.66 4.55 -1.89
CA CYS B 16 -3.27 4.46 -0.47
C CYS B 16 -3.77 5.69 0.28
N ARG B 17 -4.06 5.50 1.56
CA ARG B 17 -4.23 6.62 2.49
C ARG B 17 -2.99 6.77 3.37
N ALA B 18 -2.44 5.63 3.79
CA ALA B 18 -1.42 5.61 4.82
C ALA B 18 -1.99 6.18 6.13
ZN ZN C . -0.72 1.63 1.38
N VAL B 1 1.20 -9.27 -2.37
CA VAL B 1 2.36 -8.38 -2.17
C VAL B 1 2.13 -7.52 -0.93
N LYS B 2 3.08 -6.60 -0.70
CA LYS B 2 2.84 -5.44 0.15
C LYS B 2 2.58 -4.21 -0.71
N CYS B 3 1.73 -3.32 -0.18
CA CYS B 3 1.75 -1.91 -0.58
C CYS B 3 3.11 -1.30 -0.25
N PHE B 4 3.57 -0.44 -1.17
CA PHE B 4 4.84 0.22 -0.99
C PHE B 4 4.66 1.72 -0.78
N ASN B 5 3.45 2.21 -1.02
CA ASN B 5 3.06 3.56 -0.66
C ASN B 5 3.19 3.77 0.85
N CYS B 6 2.70 2.78 1.59
CA CYS B 6 2.78 2.82 3.05
C CYS B 6 3.75 1.76 3.56
N GLY B 7 3.62 0.56 3.01
CA GLY B 7 4.40 -0.57 3.47
C GLY B 7 3.48 -1.71 3.90
N LYS B 8 2.30 -1.33 4.41
CA LYS B 8 1.36 -2.30 4.94
C LYS B 8 0.88 -3.26 3.85
N GLU B 9 0.49 -4.45 4.28
CA GLU B 9 0.35 -5.58 3.36
C GLU B 9 -1.01 -5.54 2.68
N GLY B 10 -1.04 -5.92 1.41
CA GLY B 10 -2.28 -6.29 0.74
C GLY B 10 -3.09 -5.05 0.40
N HIS B 11 -2.45 -4.10 -0.28
CA HIS B 11 -3.17 -3.13 -1.11
C HIS B 11 -2.18 -2.28 -1.90
N ILE B 12 -2.72 -1.32 -2.64
CA ILE B 12 -2.01 -0.79 -3.83
C ILE B 12 -1.70 0.68 -3.62
N ALA B 13 -0.54 1.09 -4.10
CA ALA B 13 0.06 2.36 -3.68
C ALA B 13 -0.81 3.53 -4.10
N ARG B 14 -1.28 3.48 -5.35
CA ARG B 14 -1.93 4.64 -5.95
C ARG B 14 -3.19 5.00 -5.18
N ASN B 15 -3.69 4.03 -4.40
CA ASN B 15 -5.00 4.16 -3.77
C ASN B 15 -4.83 4.39 -2.27
N CYS B 16 -3.62 4.78 -1.89
CA CYS B 16 -3.17 4.66 -0.51
C CYS B 16 -3.57 5.90 0.27
N ARG B 17 -4.16 5.68 1.44
CA ARG B 17 -4.32 6.74 2.43
C ARG B 17 -3.75 6.32 3.77
N ALA B 18 -2.90 5.29 3.73
CA ALA B 18 -2.46 4.61 4.94
C ALA B 18 -3.66 4.00 5.66
ZN ZN C . -0.72 1.68 1.28
N VAL B 1 0.54 -9.09 -2.65
CA VAL B 1 1.84 -8.51 -2.30
C VAL B 1 1.68 -7.45 -1.22
N LYS B 2 2.65 -6.53 -1.17
CA LYS B 2 2.63 -5.48 -0.16
C LYS B 2 2.61 -4.10 -0.81
N CYS B 3 1.77 -3.23 -0.27
CA CYS B 3 1.82 -1.80 -0.60
C CYS B 3 3.18 -1.21 -0.24
N PHE B 4 3.70 -0.39 -1.16
CA PHE B 4 4.94 0.32 -0.92
C PHE B 4 4.67 1.80 -0.62
N ASN B 5 3.45 2.24 -0.94
CA ASN B 5 3.06 3.61 -0.67
C ASN B 5 3.12 3.91 0.83
N CYS B 6 2.71 2.89 1.59
CA CYS B 6 2.86 2.92 3.03
C CYS B 6 3.89 1.90 3.50
N GLY B 7 3.71 0.66 3.03
CA GLY B 7 4.57 -0.44 3.44
C GLY B 7 3.78 -1.48 4.24
N LYS B 8 2.46 -1.36 4.17
CA LYS B 8 1.58 -2.37 4.74
C LYS B 8 1.06 -3.29 3.65
N GLU B 9 0.53 -4.44 4.08
CA GLU B 9 0.25 -5.54 3.17
C GLU B 9 -1.16 -5.44 2.61
N GLY B 10 -1.32 -5.81 1.34
CA GLY B 10 -2.63 -6.08 0.78
C GLY B 10 -2.91 -5.11 -0.38
N HIS B 11 -3.09 -3.85 -0.03
CA HIS B 11 -3.67 -2.87 -0.94
C HIS B 11 -2.57 -2.21 -1.77
N ILE B 12 -2.98 -1.29 -2.63
CA ILE B 12 -2.09 -0.78 -3.68
C ILE B 12 -1.68 0.65 -3.40
N ALA B 13 -0.50 0.99 -3.89
CA ALA B 13 0.13 2.27 -3.57
C ALA B 13 -0.74 3.44 -4.01
N ARG B 14 -1.09 3.43 -5.30
CA ARG B 14 -1.76 4.60 -5.88
C ARG B 14 -3.10 4.85 -5.20
N ASN B 15 -3.53 3.86 -4.44
CA ASN B 15 -4.87 3.91 -3.82
C ASN B 15 -4.73 4.08 -2.32
N CYS B 16 -3.56 4.49 -1.89
CA CYS B 16 -3.18 4.34 -0.48
C CYS B 16 -3.86 5.42 0.36
N ARG B 17 -4.46 4.99 1.47
CA ARG B 17 -4.83 5.91 2.54
C ARG B 17 -3.65 6.17 3.46
N ALA B 18 -2.88 5.11 3.70
CA ALA B 18 -1.85 5.14 4.74
C ALA B 18 -2.49 5.36 6.11
ZN ZN C . -0.63 1.72 1.41
N VAL B 1 1.52 -9.95 -1.03
CA VAL B 1 2.22 -8.77 -1.57
C VAL B 1 1.78 -7.53 -0.80
N LYS B 2 2.65 -6.50 -0.82
CA LYS B 2 2.49 -5.36 0.08
C LYS B 2 2.40 -4.07 -0.73
N CYS B 3 1.65 -3.12 -0.16
CA CYS B 3 1.72 -1.72 -0.60
C CYS B 3 3.14 -1.19 -0.38
N PHE B 4 3.53 -0.26 -1.26
CA PHE B 4 4.88 0.28 -1.22
C PHE B 4 4.89 1.76 -0.93
N ASN B 5 3.70 2.38 -0.96
CA ASN B 5 3.52 3.70 -0.38
C ASN B 5 3.73 3.66 1.13
N CYS B 6 3.05 2.71 1.77
CA CYS B 6 3.03 2.66 3.23
C CYS B 6 3.83 1.48 3.75
N GLY B 7 3.80 0.40 2.98
CA GLY B 7 4.46 -0.85 3.38
C GLY B 7 3.42 -1.88 3.83
N LYS B 8 2.32 -1.38 4.37
CA LYS B 8 1.32 -2.23 4.99
C LYS B 8 0.71 -3.17 3.94
N GLU B 9 0.58 -4.43 4.33
CA GLU B 9 0.34 -5.51 3.38
C GLU B 9 -1.03 -5.36 2.73
N GLY B 10 -1.09 -5.62 1.43
CA GLY B 10 -2.36 -5.89 0.77
C GLY B 10 -2.58 -4.90 -0.38
N HIS B 11 -2.81 -3.65 -0.01
CA HIS B 11 -3.47 -2.70 -0.90
C HIS B 11 -2.44 -2.00 -1.80
N ILE B 12 -2.94 -1.28 -2.79
CA ILE B 12 -2.09 -0.68 -3.81
C ILE B 12 -1.68 0.73 -3.40
N ALA B 13 -0.49 1.11 -3.83
CA ALA B 13 0.04 2.44 -3.58
C ALA B 13 -0.87 3.52 -4.12
N ARG B 14 -1.26 3.37 -5.40
CA ARG B 14 -1.96 4.44 -6.10
C ARG B 14 -3.28 4.74 -5.43
N ASN B 15 -3.67 3.86 -4.51
CA ASN B 15 -5.02 3.92 -3.94
C ASN B 15 -4.95 4.13 -2.44
N CYS B 16 -3.78 4.55 -1.97
CA CYS B 16 -3.41 4.34 -0.56
C CYS B 16 -4.28 5.22 0.34
N ARG B 17 -3.75 6.40 0.67
CA ARG B 17 -4.16 7.10 1.90
C ARG B 17 -3.83 6.24 3.12
N ALA B 18 -2.53 6.20 3.44
CA ALA B 18 -2.04 5.26 4.45
C ALA B 18 -2.68 5.54 5.80
ZN ZN C . -0.51 2.02 1.26
N VAL B 1 1.02 -9.55 -1.82
CA VAL B 1 2.10 -8.55 -1.93
C VAL B 1 1.75 -7.31 -1.10
N LYS B 2 2.76 -6.46 -0.91
CA LYS B 2 2.64 -5.35 0.03
C LYS B 2 2.60 -4.03 -0.71
N CYS B 3 1.79 -3.11 -0.17
CA CYS B 3 1.83 -1.71 -0.58
C CYS B 3 3.21 -1.11 -0.30
N PHE B 4 3.59 -0.16 -1.16
CA PHE B 4 4.96 0.37 -1.10
C PHE B 4 4.96 1.84 -0.73
N ASN B 5 3.78 2.46 -0.82
CA ASN B 5 3.57 3.77 -0.20
C ASN B 5 3.73 3.67 1.31
N CYS B 6 2.97 2.74 1.90
CA CYS B 6 2.86 2.66 3.34
C CYS B 6 3.66 1.49 3.89
N GLY B 7 3.89 0.51 3.02
CA GLY B 7 4.65 -0.67 3.40
C GLY B 7 3.71 -1.81 3.79
N LYS B 8 2.56 -1.42 4.33
CA LYS B 8 1.60 -2.38 4.87
C LYS B 8 1.11 -3.30 3.75
N GLU B 9 0.47 -4.39 4.17
CA GLU B 9 0.21 -5.51 3.27
C GLU B 9 -1.20 -5.42 2.69
N GLY B 10 -1.33 -5.73 1.41
CA GLY B 10 -2.62 -6.07 0.82
C GLY B 10 -3.38 -4.80 0.44
N HIS B 11 -2.69 -3.88 -0.23
CA HIS B 11 -3.35 -2.90 -1.09
C HIS B 11 -2.33 -2.17 -1.94
N ILE B 12 -2.83 -1.40 -2.91
CA ILE B 12 -1.98 -0.86 -3.97
C ILE B 12 -1.72 0.62 -3.73
N ALA B 13 -0.50 1.04 -4.02
CA ALA B 13 -0.03 2.37 -3.65
C ALA B 13 -0.90 3.45 -4.24
N ARG B 14 -1.43 3.20 -5.44
CA ARG B 14 -2.09 4.26 -6.21
C ARG B 14 -3.29 4.78 -5.47
N ASN B 15 -3.75 4.01 -4.48
CA ASN B 15 -5.09 4.18 -3.92
C ASN B 15 -5.01 4.31 -2.40
N CYS B 16 -3.82 4.68 -1.94
CA CYS B 16 -3.44 4.48 -0.54
C CYS B 16 -4.16 5.50 0.34
N ARG B 17 -4.47 5.08 1.57
CA ARG B 17 -4.71 6.01 2.66
C ARG B 17 -3.40 6.31 3.40
N ALA B 18 -2.71 5.24 3.78
CA ALA B 18 -1.57 5.34 4.68
C ALA B 18 -2.01 5.91 6.03
ZN ZN C . -0.61 1.94 1.22
N VAL B 1 1.23 -9.64 -2.20
CA VAL B 1 2.25 -8.57 -2.20
C VAL B 1 1.83 -7.46 -1.26
N LYS B 2 2.75 -6.53 -1.02
CA LYS B 2 2.53 -5.48 -0.03
C LYS B 2 2.47 -4.12 -0.70
N CYS B 3 1.69 -3.23 -0.11
CA CYS B 3 1.74 -1.81 -0.46
C CYS B 3 3.13 -1.25 -0.17
N PHE B 4 3.61 -0.44 -1.13
CA PHE B 4 4.88 0.25 -0.98
C PHE B 4 4.70 1.76 -0.90
N ASN B 5 3.46 2.21 -1.05
CA ASN B 5 3.10 3.59 -0.71
C ASN B 5 3.32 3.82 0.77
N CYS B 6 2.77 2.91 1.58
CA CYS B 6 2.91 3.00 3.03
C CYS B 6 3.89 1.95 3.54
N GLY B 7 3.68 0.71 3.08
CA GLY B 7 4.47 -0.42 3.55
C GLY B 7 3.59 -1.39 4.33
N LYS B 8 2.30 -1.40 3.98
CA LYS B 8 1.35 -2.30 4.61
C LYS B 8 0.77 -3.27 3.58
N GLU B 9 0.48 -4.49 4.05
CA GLU B 9 0.24 -5.61 3.16
C GLU B 9 -1.12 -5.48 2.49
N GLY B 10 -1.19 -5.94 1.24
CA GLY B 10 -2.47 -6.29 0.62
C GLY B 10 -3.29 -5.02 0.36
N HIS B 11 -2.62 -4.01 -0.21
CA HIS B 11 -3.33 -2.99 -0.99
C HIS B 11 -2.32 -2.17 -1.78
N ILE B 12 -2.83 -1.36 -2.71
CA ILE B 12 -2.01 -0.81 -3.79
C ILE B 12 -1.66 0.64 -3.50
N ALA B 13 -0.48 1.03 -3.93
CA ALA B 13 0.11 2.31 -3.56
C ALA B 13 -0.77 3.47 -3.96
N ARG B 14 -1.15 3.49 -5.25
CA ARG B 14 -1.85 4.64 -5.80
C ARG B 14 -3.17 4.85 -5.09
N ASN B 15 -3.61 3.81 -4.39
CA ASN B 15 -4.92 3.85 -3.73
C ASN B 15 -4.75 4.10 -2.24
N CYS B 16 -3.57 4.58 -1.86
CA CYS B 16 -3.15 4.52 -0.46
C CYS B 16 -3.68 5.74 0.30
N ARG B 17 -3.93 5.56 1.58
CA ARG B 17 -4.13 6.68 2.50
C ARG B 17 -3.22 6.54 3.71
N ALA B 18 -2.20 5.69 3.56
CA ALA B 18 -1.41 5.25 4.71
C ALA B 18 -2.28 4.52 5.71
ZN ZN C . -0.68 1.79 1.50
N VAL B 1 0.63 -9.22 -1.79
CA VAL B 1 1.93 -8.52 -1.82
C VAL B 1 1.81 -7.19 -1.07
N LYS B 2 2.94 -6.49 -0.96
CA LYS B 2 3.03 -5.36 -0.05
C LYS B 2 2.80 -4.05 -0.79
N CYS B 3 1.97 -3.20 -0.21
CA CYS B 3 1.95 -1.77 -0.55
C CYS B 3 3.32 -1.15 -0.22
N PHE B 4 3.77 -0.30 -1.14
CA PHE B 4 5.03 0.42 -0.95
C PHE B 4 4.79 1.90 -0.71
N ASN B 5 3.56 2.33 -0.93
CA ASN B 5 3.15 3.69 -0.57
C ASN B 5 3.29 3.90 0.93
N CYS B 6 2.83 2.90 1.68
CA CYS B 6 2.94 2.93 3.13
C CYS B 6 3.93 1.88 3.62
N GLY B 7 3.79 0.67 3.09
CA GLY B 7 4.60 -0.46 3.53
C GLY B 7 3.73 -1.50 4.24
N LYS B 8 2.43 -1.46 3.93
CA LYS B 8 1.48 -2.38 4.54
C LYS B 8 0.95 -3.35 3.50
N GLU B 9 0.52 -4.51 3.98
CA GLU B 9 0.15 -5.62 3.10
C GLU B 9 -1.31 -5.50 2.67
N GLY B 10 -1.55 -5.77 1.38
CA GLY B 10 -2.90 -5.95 0.88
C GLY B 10 -3.15 -5.06 -0.33
N HIS B 11 -3.09 -3.76 -0.10
CA HIS B 11 -3.62 -2.78 -1.06
C HIS B 11 -2.49 -2.17 -1.86
N ILE B 12 -2.85 -1.33 -2.82
CA ILE B 12 -1.89 -0.73 -3.74
C ILE B 12 -1.50 0.66 -3.27
N ALA B 13 -0.32 1.08 -3.70
CA ALA B 13 0.16 2.44 -3.51
C ALA B 13 -0.80 3.45 -4.11
N ARG B 14 -1.25 3.17 -5.33
CA ARG B 14 -2.00 4.17 -6.10
C ARG B 14 -3.29 4.53 -5.37
N ASN B 15 -3.59 3.76 -4.34
CA ASN B 15 -4.94 3.83 -3.72
C ASN B 15 -4.82 4.11 -2.24
N CYS B 16 -3.64 4.55 -1.81
CA CYS B 16 -3.24 4.42 -0.40
C CYS B 16 -3.85 5.55 0.41
N ARG B 17 -4.25 5.22 1.64
CA ARG B 17 -4.58 6.24 2.64
C ARG B 17 -3.59 6.19 3.79
N ALA B 18 -2.53 5.40 3.59
CA ALA B 18 -1.57 5.15 4.65
C ALA B 18 -2.24 4.44 5.82
ZN ZN C . -0.54 1.75 1.39
N VAL B 1 1.25 -9.62 -1.83
CA VAL B 1 2.42 -8.72 -1.71
C VAL B 1 2.02 -7.46 -0.96
N LYS B 2 2.98 -6.55 -0.82
CA LYS B 2 2.78 -5.39 0.05
C LYS B 2 2.53 -4.13 -0.78
N CYS B 3 1.71 -3.24 -0.20
CA CYS B 3 1.72 -1.82 -0.58
C CYS B 3 3.10 -1.23 -0.33
N PHE B 4 3.56 -0.43 -1.30
CA PHE B 4 4.83 0.26 -1.18
C PHE B 4 4.66 1.76 -1.01
N ASN B 5 3.41 2.21 -1.01
CA ASN B 5 3.07 3.55 -0.56
C ASN B 5 3.33 3.67 0.95
N CYS B 6 2.67 2.79 1.70
CA CYS B 6 2.74 2.84 3.15
C CYS B 6 3.70 1.78 3.68
N GLY B 7 3.67 0.62 3.04
CA GLY B 7 4.53 -0.50 3.44
C GLY B 7 3.75 -1.48 4.30
N LYS B 8 2.42 -1.39 4.22
CA LYS B 8 1.55 -2.41 4.78
C LYS B 8 1.15 -3.41 3.70
N GLU B 9 0.47 -4.47 4.13
CA GLU B 9 0.26 -5.64 3.28
C GLU B 9 -1.13 -5.61 2.66
N GLY B 10 -1.19 -5.90 1.36
CA GLY B 10 -2.45 -6.27 0.73
C GLY B 10 -3.25 -5.02 0.38
N HIS B 11 -2.59 -4.07 -0.28
CA HIS B 11 -3.30 -3.07 -1.10
C HIS B 11 -2.31 -2.23 -1.89
N ILE B 12 -2.82 -1.23 -2.59
CA ILE B 12 -2.07 -0.61 -3.68
C ILE B 12 -1.62 0.79 -3.26
N ALA B 13 -0.44 1.15 -3.74
CA ALA B 13 0.12 2.49 -3.52
C ALA B 13 -0.80 3.57 -4.05
N ARG B 14 -1.15 3.45 -5.33
CA ARG B 14 -1.84 4.52 -6.03
C ARG B 14 -3.18 4.82 -5.37
N ASN B 15 -3.57 3.92 -4.47
CA ASN B 15 -4.92 3.99 -3.87
C ASN B 15 -4.82 4.25 -2.39
N CYS B 16 -3.64 4.70 -1.95
CA CYS B 16 -3.30 4.61 -0.51
C CYS B 16 -3.77 5.86 0.21
N ARG B 17 -4.18 5.69 1.45
CA ARG B 17 -4.41 6.82 2.35
C ARG B 17 -3.29 6.92 3.38
N ALA B 18 -2.65 5.77 3.62
CA ALA B 18 -1.70 5.66 4.73
C ALA B 18 -2.41 5.90 6.06
ZN ZN C . -0.76 1.72 1.38
N VAL B 1 1.29 -9.78 -1.45
CA VAL B 1 2.39 -8.82 -1.57
C VAL B 1 1.99 -7.49 -0.93
N LYS B 2 2.97 -6.60 -0.77
CA LYS B 2 2.83 -5.46 0.13
C LYS B 2 2.62 -4.17 -0.66
N CYS B 3 1.79 -3.30 -0.11
CA CYS B 3 1.80 -1.88 -0.49
C CYS B 3 3.17 -1.27 -0.19
N PHE B 4 3.60 -0.38 -1.09
CA PHE B 4 4.86 0.31 -0.92
C PHE B 4 4.68 1.81 -0.88
N ASN B 5 3.45 2.27 -1.05
CA ASN B 5 3.06 3.63 -0.67
C ASN B 5 3.24 3.82 0.83
N CYS B 6 2.74 2.84 1.59
CA CYS B 6 2.82 2.91 3.04
C CYS B 6 3.81 1.87 3.58
N GLY B 7 3.67 0.65 3.05
CA GLY B 7 4.50 -0.46 3.51
C GLY B 7 3.63 -1.69 3.80
N LYS B 8 2.44 -1.42 4.34
CA LYS B 8 1.61 -2.48 4.89
C LYS B 8 1.08 -3.39 3.77
N GLU B 9 0.42 -4.46 4.18
CA GLU B 9 0.16 -5.59 3.28
C GLU B 9 -1.21 -5.44 2.63
N GLY B 10 -1.30 -5.87 1.37
CA GLY B 10 -2.59 -6.20 0.76
C GLY B 10 -3.34 -4.91 0.40
N HIS B 11 -2.63 -4.02 -0.30
CA HIS B 11 -3.30 -3.02 -1.14
C HIS B 11 -2.26 -2.22 -1.92
N ILE B 12 -2.75 -1.34 -2.80
CA ILE B 12 -1.91 -0.76 -3.84
C ILE B 12 -1.59 0.69 -3.51
N ALA B 13 -0.44 1.13 -4.00
CA ALA B 13 0.12 2.43 -3.61
C ALA B 13 -0.81 3.56 -4.01
N ARG B 14 -1.18 3.58 -5.28
CA ARG B 14 -1.91 4.72 -5.84
C ARG B 14 -3.25 4.88 -5.13
N ASN B 15 -3.65 3.81 -4.45
CA ASN B 15 -4.97 3.79 -3.78
C ASN B 15 -4.80 4.03 -2.29
N CYS B 16 -3.65 4.59 -1.91
CA CYS B 16 -3.23 4.54 -0.51
C CYS B 16 -3.67 5.81 0.21
N ARG B 17 -3.63 5.75 1.54
CA ARG B 17 -4.16 6.84 2.37
C ARG B 17 -3.27 7.05 3.58
N ALA B 18 -2.03 6.59 3.49
CA ALA B 18 -1.14 6.53 4.64
C ALA B 18 -0.89 7.93 5.19
ZN ZN C . -0.70 1.70 1.35
#